data_3CA0
#
_entry.id   3CA0
#
_cell.length_a   120.204
_cell.length_b   120.204
_cell.length_c   177.340
_cell.angle_alpha   90.00
_cell.angle_beta   90.00
_cell.angle_gamma   120.00
#
_symmetry.space_group_name_H-M   'P 64 2 2'
#
loop_
_entity.id
_entity.type
_entity.pdbx_description
1 polymer 'Agglutinin II'
2 branched beta-D-xylopyranose-(1-2)-[alpha-D-mannopyranose-(1-3)][alpha-D-mannopyranose-(1-6)]beta-D-mannopyranose-(1-4)-2-acetamido-2-deoxy-beta-D-glucopyranose-(1-4)-[alpha-L-fucopyranose-(1-3)]2-acetamido-2-deoxy-beta-D-glucopyranose
3 branched alpha-L-fucopyranose-(1-3)-2-acetamido-2-deoxy-beta-D-glucopyranose
4 branched 2-acetamido-2-deoxy-beta-D-glucopyranose-(1-4)-2-acetamido-2-deoxy-beta-D-glucopyranose
5 branched alpha-L-fucopyranose-(1-3)-[2-acetamido-2-deoxy-beta-D-glucopyranose-(1-4)]2-acetamido-2-deoxy-beta-D-glucopyranose
6 non-polymer 'SULFATE ION'
7 non-polymer 'ACETATE ION'
8 water water
#
_entity_poly.entity_id   1
_entity_poly.type   'polypeptide(L)'
_entity_poly.pdbx_seq_one_letter_code
;TSFTRNIVGRDGLCVDVRNGYDTDGTPLQLWPCGTQRNQRWTFDSDDTIRSMGKCMTANGLNNGSNIVIFNCSTAAENAI
KWEVPIDGSIINPSSGLVMTAPRAASRTILLLEDNIYAASQGWTVTNNVKPIVASIVGYKEMCLQSNGENNGVWMEDCEA
TSLQQQWALYGDRTIRVNSTRGLCVTTNGYNSKDLIIILKCQGLPSQRWFFNSDGAIVNPKSRLVMDVRASNVSLREIII
FPATGNPNQQWVTQVLPS
;
_entity_poly.pdbx_strand_id   A
#
# COMPACT_ATOMS: atom_id res chain seq x y z
N THR A 1 9.84 7.87 23.32
CA THR A 1 10.79 7.42 22.24
C THR A 1 10.25 7.84 20.88
N SER A 2 11.13 8.27 19.98
CA SER A 2 10.70 8.75 18.69
C SER A 2 11.69 8.42 17.56
N PHE A 3 11.18 8.47 16.35
CA PHE A 3 11.93 8.20 15.13
C PHE A 3 11.22 8.91 14.00
N THR A 4 11.98 9.27 12.97
CA THR A 4 11.53 10.10 11.88
C THR A 4 11.68 9.32 10.58
N ARG A 5 10.67 9.43 9.72
CA ARG A 5 10.57 8.69 8.46
C ARG A 5 9.80 9.52 7.42
N ASN A 6 9.90 9.13 6.15
CA ASN A 6 8.93 9.57 5.16
C ASN A 6 7.71 8.65 5.25
N ILE A 7 6.57 9.06 4.69
CA ILE A 7 5.35 8.17 4.59
C ILE A 7 5.00 8.06 3.11
N VAL A 8 5.21 6.88 2.58
CA VAL A 8 5.04 6.61 1.15
C VAL A 8 3.72 5.93 0.93
N GLY A 9 2.95 6.42 -0.05
CA GLY A 9 1.69 5.81 -0.38
C GLY A 9 1.44 5.71 -1.87
N ARG A 10 0.21 6.08 -2.24
CA ARG A 10 -0.34 5.80 -3.55
C ARG A 10 0.61 6.26 -4.64
N ASP A 11 0.84 5.35 -5.58
CA ASP A 11 1.75 5.57 -6.69
C ASP A 11 3.20 5.89 -6.30
N GLY A 12 3.59 5.52 -5.09
CA GLY A 12 4.94 5.80 -4.60
C GLY A 12 5.19 7.26 -4.21
N LEU A 13 4.14 8.06 -4.13
CA LEU A 13 4.24 9.46 -3.71
C LEU A 13 4.23 9.53 -2.19
N CYS A 14 4.71 10.62 -1.64
CA CYS A 14 4.85 10.79 -0.20
C CYS A 14 3.85 11.79 0.39
N VAL A 15 3.63 11.67 1.70
CA VAL A 15 2.85 12.60 2.47
C VAL A 15 3.65 13.88 2.66
N ASP A 16 3.07 15.01 2.23
CA ASP A 16 3.79 16.27 2.05
C ASP A 16 2.93 17.42 2.61
N VAL A 17 3.51 18.26 3.44
CA VAL A 17 2.87 19.50 3.83
C VAL A 17 3.17 20.56 2.76
N ARG A 18 2.11 20.97 2.06
CA ARG A 18 2.22 21.80 0.88
C ARG A 18 3.22 22.95 0.99
N ASN A 19 4.21 22.87 0.12
CA ASN A 19 5.25 23.90 0.00
C ASN A 19 5.96 24.31 1.26
N GLY A 20 5.95 23.45 2.27
CA GLY A 20 6.57 23.73 3.56
C GLY A 20 5.81 24.75 4.38
N TYR A 21 4.58 25.05 4.01
CA TYR A 21 3.82 26.03 4.79
C TYR A 21 3.31 25.31 6.03
N ASP A 22 3.33 25.95 7.18
CA ASP A 22 2.88 25.25 8.40
C ASP A 22 1.70 25.90 9.13
N THR A 23 1.00 26.79 8.44
CA THR A 23 -0.18 27.42 8.97
C THR A 23 -1.21 26.34 9.32
N ASP A 24 -1.78 26.45 10.52
CA ASP A 24 -2.81 25.54 10.98
C ASP A 24 -3.91 25.40 9.92
N GLY A 25 -4.27 24.18 9.58
CA GLY A 25 -5.31 23.95 8.59
C GLY A 25 -4.80 23.69 7.16
N THR A 26 -3.50 23.85 6.91
CA THR A 26 -2.94 23.52 5.59
C THR A 26 -3.12 22.01 5.29
N PRO A 27 -3.82 21.68 4.19
CA PRO A 27 -4.02 20.27 3.86
C PRO A 27 -2.75 19.52 3.54
N LEU A 28 -2.69 18.28 3.94
CA LEU A 28 -1.62 17.42 3.51
C LEU A 28 -1.95 16.88 2.12
N GLN A 29 -0.91 16.60 1.35
CA GLN A 29 -1.06 16.23 -0.04
C GLN A 29 -0.06 15.12 -0.42
N LEU A 30 -0.28 14.51 -1.58
CA LEU A 30 0.77 13.68 -2.17
C LEU A 30 1.76 14.53 -2.98
N TRP A 31 3.02 14.17 -2.92
CA TRP A 31 4.08 14.87 -3.69
C TRP A 31 5.26 13.89 -3.86
N PRO A 32 5.94 13.92 -5.01
CA PRO A 32 7.11 13.02 -5.12
C PRO A 32 8.05 13.08 -3.93
N CYS A 33 8.57 11.91 -3.56
CA CYS A 33 9.33 11.80 -2.32
C CYS A 33 10.64 12.59 -2.40
N GLY A 34 10.99 13.22 -1.28
CA GLY A 34 12.29 13.90 -1.14
C GLY A 34 12.64 13.86 0.34
N THR A 35 13.58 14.69 0.73
CA THR A 35 14.14 14.70 2.07
C THR A 35 13.87 16.01 2.81
N GLN A 36 13.05 16.89 2.24
CA GLN A 36 12.77 18.19 2.86
C GLN A 36 11.92 18.01 4.09
N ARG A 37 11.97 18.99 4.98
CA ARG A 37 11.37 18.82 6.29
C ARG A 37 9.88 18.59 6.26
N ASN A 38 9.19 19.07 5.22
CA ASN A 38 7.75 18.92 5.08
C ASN A 38 7.29 17.56 4.59
N GLN A 39 8.24 16.64 4.40
CA GLN A 39 7.96 15.23 4.21
C GLN A 39 8.60 14.34 5.29
N ARG A 40 9.16 14.96 6.32
CA ARG A 40 9.80 14.21 7.37
C ARG A 40 8.89 14.16 8.57
N TRP A 41 8.41 12.97 8.89
CA TRP A 41 7.39 12.74 9.94
C TRP A 41 7.97 12.00 11.14
N THR A 42 7.78 12.58 12.32
CA THR A 42 8.33 12.05 13.58
C THR A 42 7.18 11.34 14.33
N PHE A 43 7.44 10.08 14.64
CA PHE A 43 6.54 9.20 15.35
C PHE A 43 7.02 9.12 16.77
N ASP A 44 6.13 9.39 17.72
CA ASP A 44 6.44 9.40 19.15
C ASP A 44 5.54 8.43 19.93
N SER A 45 5.96 8.13 21.16
CA SER A 45 5.18 7.33 22.09
C SER A 45 3.77 7.89 22.40
N ASP A 46 3.58 9.19 22.22
CA ASP A 46 2.28 9.80 22.42
C ASP A 46 1.34 9.61 21.27
N ASP A 47 1.77 8.84 20.27
CA ASP A 47 0.96 8.49 19.09
C ASP A 47 0.70 9.66 18.13
N THR A 48 1.47 10.75 18.26
CA THR A 48 1.40 11.79 17.29
C THR A 48 2.37 11.54 16.14
N ILE A 49 2.07 12.23 15.02
CA ILE A 49 2.90 12.13 13.80
C ILE A 49 3.16 13.55 13.34
N ARG A 50 4.42 14.00 13.49
CA ARG A 50 4.69 15.45 13.47
C ARG A 50 5.66 15.84 12.36
N SER A 51 5.39 16.98 11.73
CA SER A 51 6.33 17.56 10.76
C SER A 51 6.37 19.06 11.04
N MET A 52 7.57 19.61 11.01
CA MET A 52 7.78 21.01 11.26
C MET A 52 7.29 21.43 12.64
N GLY A 53 7.33 20.51 13.59
CA GLY A 53 6.89 20.80 14.92
C GLY A 53 5.37 20.81 15.14
N LYS A 54 4.59 20.51 14.11
CA LYS A 54 3.13 20.50 14.22
C LYS A 54 2.64 19.09 13.90
N CYS A 55 1.37 18.83 14.18
CA CYS A 55 0.78 17.49 14.06
C CYS A 55 0.00 17.22 12.82
N MET A 56 0.13 16.01 12.30
CA MET A 56 -0.86 15.45 11.39
C MET A 56 -2.20 15.38 12.12
N THR A 57 -3.21 16.02 11.55
CA THR A 57 -4.46 16.30 12.28
C THR A 57 -5.69 16.02 11.46
N ALA A 58 -6.65 15.31 12.06
CA ALA A 58 -7.96 15.07 11.46
C ALA A 58 -8.73 16.38 11.57
N ASN A 59 -9.17 16.94 10.44
CA ASN A 59 -9.97 18.16 10.47
C ASN A 59 -11.40 17.94 10.99
N GLY A 60 -11.87 16.72 10.96
CA GLY A 60 -13.07 16.33 11.65
C GLY A 60 -13.01 14.83 11.79
N LEU A 61 -13.99 14.26 12.45
CA LEU A 61 -13.90 12.84 12.74
C LEU A 61 -14.94 12.02 11.96
N ASN A 62 -15.55 12.57 10.93
N ASN A 62 -15.48 12.64 10.89
CA ASN A 62 -16.47 11.76 10.10
CA ASN A 62 -16.44 12.05 9.90
C ASN A 62 -15.87 11.53 8.69
C ASN A 62 -15.77 11.52 8.64
N ASN A 63 -16.37 10.49 8.03
CA ASN A 63 -15.89 10.06 6.72
C ASN A 63 -15.84 11.19 5.71
N GLY A 64 -14.73 11.25 5.01
CA GLY A 64 -14.50 12.31 3.99
C GLY A 64 -13.81 13.56 4.48
N SER A 65 -13.42 13.57 5.75
N SER A 65 -13.46 13.63 5.75
CA SER A 65 -12.73 14.74 6.36
CA SER A 65 -12.83 14.85 6.26
C SER A 65 -11.33 14.96 5.78
C SER A 65 -11.38 14.97 5.82
N ASN A 66 -10.90 16.20 5.78
CA ASN A 66 -9.56 16.50 5.40
C ASN A 66 -8.58 16.12 6.53
N ILE A 67 -7.36 15.78 6.13
CA ILE A 67 -6.20 15.70 7.03
C ILE A 67 -5.32 16.94 6.76
N VAL A 68 -4.93 17.60 7.84
CA VAL A 68 -4.24 18.89 7.78
C VAL A 68 -3.05 18.90 8.78
N ILE A 69 -2.17 19.89 8.67
CA ILE A 69 -1.20 20.16 9.70
C ILE A 69 -1.84 21.11 10.75
N PHE A 70 -1.47 20.95 12.01
CA PHE A 70 -2.08 21.74 13.05
C PHE A 70 -1.24 21.71 14.29
N ASN A 71 -1.21 22.87 14.94
CA ASN A 71 -0.62 23.01 16.24
C ASN A 71 -1.05 21.84 17.17
N CYS A 72 -0.07 21.12 17.68
CA CYS A 72 -0.31 19.99 18.58
C CYS A 72 -1.03 20.33 19.87
N SER A 73 -0.75 21.48 20.46
CA SER A 73 -1.36 21.75 21.73
C SER A 73 -2.80 22.27 21.58
N THR A 74 -3.11 22.95 20.49
CA THR A 74 -4.46 23.53 20.34
C THR A 74 -5.43 22.58 19.64
N ALA A 75 -4.92 21.65 18.85
CA ALA A 75 -5.78 20.63 18.21
C ALA A 75 -6.38 19.69 19.30
N ALA A 76 -7.53 19.08 19.01
CA ALA A 76 -8.15 18.10 19.93
C ALA A 76 -7.28 16.85 20.00
N GLU A 77 -7.16 16.30 21.19
CA GLU A 77 -6.31 15.14 21.39
C GLU A 77 -6.76 13.97 20.45
N ASN A 78 -8.06 13.82 20.27
CA ASN A 78 -8.58 12.73 19.44
C ASN A 78 -8.18 12.90 17.98
N ALA A 79 -7.92 14.12 17.57
CA ALA A 79 -7.63 14.46 16.18
C ALA A 79 -6.17 14.19 15.77
N ILE A 80 -5.31 14.13 16.78
CA ILE A 80 -3.85 14.07 16.57
C ILE A 80 -3.17 12.74 16.92
N LYS A 81 -3.95 11.76 17.34
CA LYS A 81 -3.44 10.46 17.69
C LYS A 81 -3.76 9.46 16.55
N TRP A 82 -2.73 8.70 16.19
CA TRP A 82 -2.72 7.77 15.06
C TRP A 82 -2.09 6.46 15.46
N GLU A 83 -2.50 5.35 14.84
N GLU A 83 -2.49 5.37 14.81
CA GLU A 83 -1.68 4.15 14.87
CA GLU A 83 -1.87 4.06 14.94
C GLU A 83 -1.41 3.60 13.50
C GLU A 83 -1.45 3.56 13.52
N VAL A 84 -0.42 2.72 13.45
CA VAL A 84 0.06 2.16 12.20
C VAL A 84 -0.04 0.61 12.26
N PRO A 85 -1.22 0.07 11.90
CA PRO A 85 -1.40 -1.37 11.89
C PRO A 85 -0.45 -2.08 10.95
N ILE A 86 -0.26 -3.37 11.17
CA ILE A 86 0.73 -4.11 10.43
C ILE A 86 0.42 -4.19 8.95
N ASP A 87 -0.86 -4.04 8.54
CA ASP A 87 -1.18 -4.20 7.12
C ASP A 87 -0.94 -2.98 6.21
N GLY A 88 -0.41 -1.91 6.76
CA GLY A 88 -0.11 -0.71 6.05
C GLY A 88 -1.14 0.39 6.15
N SER A 89 -2.20 0.23 6.93
CA SER A 89 -3.16 1.32 7.14
C SER A 89 -2.52 2.32 8.12
N ILE A 90 -2.98 3.55 8.05
CA ILE A 90 -2.71 4.57 9.06
C ILE A 90 -4.08 5.02 9.59
N ILE A 91 -4.35 4.65 10.84
CA ILE A 91 -5.67 4.82 11.42
C ILE A 91 -5.72 5.90 12.50
N ASN A 92 -6.84 6.62 12.55
CA ASN A 92 -7.15 7.50 13.68
C ASN A 92 -8.00 6.67 14.64
N PRO A 93 -7.45 6.23 15.78
CA PRO A 93 -8.22 5.29 16.63
C PRO A 93 -9.49 5.89 17.20
N SER A 94 -9.55 7.21 17.36
CA SER A 94 -10.75 7.78 17.97
C SER A 94 -11.92 7.58 17.03
N SER A 95 -11.73 7.91 15.77
CA SER A 95 -12.80 7.75 14.78
C SER A 95 -12.86 6.36 14.16
N GLY A 96 -11.77 5.61 14.14
CA GLY A 96 -11.75 4.36 13.38
C GLY A 96 -11.55 4.54 11.88
N LEU A 97 -11.45 5.78 11.44
CA LEU A 97 -11.19 6.10 10.03
C LEU A 97 -9.72 5.98 9.65
N VAL A 98 -9.43 5.85 8.37
CA VAL A 98 -8.08 5.63 7.92
C VAL A 98 -7.63 6.67 6.87
N MET A 99 -6.36 6.97 6.91
CA MET A 99 -5.81 7.90 5.94
C MET A 99 -5.91 7.35 4.50
N THR A 100 -6.41 8.17 3.59
CA THR A 100 -6.78 7.78 2.21
C THR A 100 -6.26 8.80 1.21
N ALA A 101 -5.67 8.28 0.12
CA ALA A 101 -5.28 9.13 -1.04
C ALA A 101 -6.36 8.91 -2.11
N PRO A 102 -7.38 9.79 -2.14
CA PRO A 102 -8.57 9.46 -2.94
C PRO A 102 -8.33 9.44 -4.46
N ARG A 103 -7.28 10.08 -4.90
N ARG A 103 -7.36 10.22 -4.93
CA ARG A 103 -6.85 10.01 -6.28
CA ARG A 103 -6.88 10.24 -6.32
C ARG A 103 -5.32 9.90 -6.33
C ARG A 103 -5.36 9.89 -6.34
N ALA A 104 -4.81 9.56 -7.51
CA ALA A 104 -3.37 9.26 -7.67
C ALA A 104 -2.45 10.46 -7.88
N ALA A 105 -2.98 11.56 -8.38
CA ALA A 105 -2.14 12.65 -8.93
C ALA A 105 -1.33 13.30 -7.82
N SER A 106 -0.12 13.77 -8.12
CA SER A 106 0.49 14.67 -7.15
C SER A 106 -0.45 15.87 -6.87
N ARG A 107 -0.36 16.37 -5.65
CA ARG A 107 -1.22 17.43 -5.12
C ARG A 107 -2.57 16.96 -4.64
N THR A 108 -2.90 15.65 -4.78
CA THR A 108 -4.11 15.12 -4.20
C THR A 108 -4.09 15.40 -2.69
N ILE A 109 -5.19 15.92 -2.15
CA ILE A 109 -5.29 16.11 -0.72
C ILE A 109 -5.73 14.85 -0.04
N LEU A 110 -5.22 14.64 1.18
CA LEU A 110 -5.48 13.38 1.87
C LEU A 110 -6.71 13.52 2.77
N LEU A 111 -7.49 12.43 2.83
CA LEU A 111 -8.72 12.39 3.55
C LEU A 111 -8.76 11.24 4.57
N LEU A 112 -9.62 11.39 5.55
CA LEU A 112 -9.97 10.31 6.45
C LEU A 112 -11.26 9.67 5.96
N GLU A 113 -11.21 8.36 5.74
CA GLU A 113 -12.36 7.63 5.25
C GLU A 113 -12.54 6.30 5.95
N ASP A 114 -13.73 5.74 5.79
CA ASP A 114 -14.01 4.38 6.22
C ASP A 114 -13.03 3.45 5.58
N ASN A 115 -12.52 2.53 6.38
CA ASN A 115 -11.59 1.58 5.89
C ASN A 115 -12.26 0.59 4.96
N ILE A 116 -11.82 0.53 3.71
CA ILE A 116 -12.30 -0.52 2.82
C ILE A 116 -11.14 -1.33 2.27
N TYR A 117 -9.98 -1.21 2.92
CA TYR A 117 -8.78 -1.97 2.56
C TYR A 117 -8.35 -1.68 1.10
N ALA A 118 -8.54 -0.43 0.68
CA ALA A 118 -8.19 -0.03 -0.69
C ALA A 118 -6.67 0.16 -0.77
N ALA A 119 -6.11 -0.03 -1.95
CA ALA A 119 -4.72 0.32 -2.19
C ALA A 119 -4.50 1.82 -1.93
N SER A 120 -5.55 2.64 -2.08
CA SER A 120 -5.49 4.07 -1.77
C SER A 120 -5.36 4.32 -0.27
N GLN A 121 -5.51 3.26 0.53
CA GLN A 121 -5.38 3.35 1.98
C GLN A 121 -4.14 2.61 2.52
N GLY A 122 -3.23 2.19 1.65
CA GLY A 122 -1.97 1.53 2.03
C GLY A 122 -0.83 2.55 2.05
N TRP A 123 0.01 2.43 3.07
CA TRP A 123 1.13 3.35 3.31
C TRP A 123 2.29 2.53 3.85
N THR A 124 3.49 3.07 3.66
CA THR A 124 4.74 2.47 4.16
C THR A 124 5.54 3.58 4.83
N VAL A 125 5.82 3.39 6.10
CA VAL A 125 6.62 4.32 6.90
C VAL A 125 8.09 3.93 6.78
N THR A 126 8.89 4.75 6.07
CA THR A 126 10.24 4.30 5.66
C THR A 126 11.12 5.50 5.27
N ASN A 127 12.44 5.34 5.37
CA ASN A 127 13.39 6.26 4.75
C ASN A 127 13.74 5.82 3.32
N ASN A 128 13.47 4.57 2.92
CA ASN A 128 13.70 4.22 1.47
C ASN A 128 12.48 4.56 0.68
N VAL A 129 12.56 5.58 -0.09
CA VAL A 129 11.40 6.04 -0.82
C VAL A 129 11.29 5.52 -2.27
N LYS A 130 12.13 4.55 -2.64
CA LYS A 130 12.03 3.95 -3.96
C LYS A 130 11.40 2.60 -3.77
N PRO A 131 10.54 2.20 -4.72
CA PRO A 131 10.01 0.85 -4.65
C PRO A 131 11.12 -0.22 -4.64
N ILE A 132 10.87 -1.33 -3.97
CA ILE A 132 11.79 -2.47 -3.97
C ILE A 132 11.45 -3.31 -5.22
N VAL A 133 12.43 -3.65 -6.05
CA VAL A 133 12.18 -4.48 -7.21
C VAL A 133 12.64 -5.90 -6.91
N ALA A 134 11.74 -6.86 -7.09
CA ALA A 134 11.94 -8.25 -6.72
C ALA A 134 11.33 -9.26 -7.69
N SER A 135 11.88 -10.47 -7.66
CA SER A 135 11.14 -11.67 -8.15
C SER A 135 10.22 -12.16 -7.04
N ILE A 136 9.12 -12.79 -7.42
CA ILE A 136 8.20 -13.40 -6.47
C ILE A 136 8.16 -14.91 -6.79
N VAL A 137 8.76 -15.69 -5.89
CA VAL A 137 9.03 -17.08 -6.15
C VAL A 137 7.96 -17.85 -5.33
N GLY A 138 7.35 -18.85 -5.98
CA GLY A 138 6.29 -19.63 -5.38
C GLY A 138 6.44 -21.11 -5.65
N TYR A 139 5.28 -21.74 -5.81
CA TYR A 139 5.16 -23.17 -5.97
C TYR A 139 6.14 -23.73 -7.01
N LYS A 140 6.77 -24.81 -6.61
CA LYS A 140 7.80 -25.50 -7.36
C LYS A 140 9.02 -24.65 -7.69
N GLU A 141 9.27 -23.64 -6.88
CA GLU A 141 10.36 -22.69 -7.06
C GLU A 141 10.27 -21.99 -8.41
N MET A 142 9.05 -21.83 -8.93
CA MET A 142 8.83 -21.04 -10.12
C MET A 142 8.55 -19.62 -9.77
N CYS A 143 8.61 -18.75 -10.77
CA CYS A 143 8.48 -17.33 -10.59
C CYS A 143 7.13 -16.85 -11.14
N LEU A 144 6.49 -15.95 -10.41
CA LEU A 144 5.32 -15.25 -10.92
C LEU A 144 5.70 -14.34 -12.10
N GLN A 145 4.89 -14.42 -13.15
CA GLN A 145 5.17 -13.71 -14.37
C GLN A 145 3.92 -12.97 -14.90
N SER A 146 4.14 -11.74 -15.36
CA SER A 146 3.11 -10.94 -16.01
C SER A 146 3.08 -11.27 -17.47
N ASN A 147 1.90 -11.16 -18.05
CA ASN A 147 1.72 -11.50 -19.43
C ASN A 147 0.85 -10.49 -20.18
N GLY A 148 0.99 -9.22 -19.81
CA GLY A 148 0.27 -8.15 -20.47
C GLY A 148 -0.94 -7.68 -19.71
N GLU A 149 -1.28 -6.43 -19.95
CA GLU A 149 -2.47 -5.84 -19.38
C GLU A 149 -3.71 -6.68 -19.73
N ASN A 150 -4.57 -6.85 -18.73
CA ASN A 150 -5.82 -7.61 -18.83
C ASN A 150 -5.65 -9.12 -18.91
N ASN A 151 -4.42 -9.62 -18.83
CA ASN A 151 -4.21 -11.07 -18.90
C ASN A 151 -3.82 -11.61 -17.52
N GLY A 152 -4.03 -12.92 -17.35
CA GLY A 152 -3.63 -13.61 -16.16
C GLY A 152 -2.15 -13.52 -15.87
N VAL A 153 -1.83 -13.44 -14.58
CA VAL A 153 -0.48 -13.73 -14.14
C VAL A 153 -0.34 -15.27 -14.02
N TRP A 154 0.87 -15.78 -14.19
CA TRP A 154 1.11 -17.19 -13.91
C TRP A 154 2.55 -17.55 -13.65
N MET A 155 2.80 -18.83 -13.39
CA MET A 155 4.12 -19.30 -12.95
C MET A 155 4.93 -19.75 -14.17
N GLU A 156 6.21 -19.38 -14.23
CA GLU A 156 7.15 -19.98 -15.16
C GLU A 156 8.50 -20.25 -14.47
N ASP A 157 9.35 -21.04 -15.10
CA ASP A 157 10.76 -21.20 -14.62
C ASP A 157 11.38 -19.81 -14.47
N CYS A 158 12.04 -19.53 -13.35
CA CYS A 158 12.73 -18.27 -13.16
C CYS A 158 13.80 -18.08 -14.21
N GLU A 159 13.88 -16.85 -14.69
CA GLU A 159 14.92 -16.37 -15.57
C GLU A 159 15.35 -14.98 -15.12
N ALA A 160 16.62 -14.84 -14.80
CA ALA A 160 17.10 -13.59 -14.22
C ALA A 160 16.90 -12.38 -15.17
N THR A 161 17.03 -12.63 -16.46
CA THR A 161 16.85 -11.57 -17.46
C THR A 161 15.41 -11.34 -17.93
N SER A 162 14.45 -12.05 -17.39
CA SER A 162 13.08 -11.89 -17.86
C SER A 162 12.44 -10.68 -17.21
N LEU A 163 12.17 -9.67 -18.03
CA LEU A 163 11.52 -8.45 -17.55
C LEU A 163 10.12 -8.71 -16.95
N GLN A 164 9.44 -9.71 -17.51
CA GLN A 164 8.07 -10.02 -17.13
C GLN A 164 8.00 -10.67 -15.76
N GLN A 165 9.14 -11.05 -15.21
CA GLN A 165 9.19 -11.62 -13.87
C GLN A 165 9.62 -10.63 -12.78
N GLN A 166 9.71 -9.35 -13.12
CA GLN A 166 10.21 -8.34 -12.20
C GLN A 166 9.04 -7.48 -11.71
N TRP A 167 8.95 -7.34 -10.39
CA TRP A 167 7.84 -6.71 -9.70
C TRP A 167 8.38 -5.56 -8.86
N ALA A 168 7.69 -4.43 -8.95
CA ALA A 168 7.98 -3.25 -8.11
C ALA A 168 6.98 -3.24 -6.96
N LEU A 169 7.51 -3.36 -5.74
CA LEU A 169 6.65 -3.44 -4.52
C LEU A 169 6.57 -2.01 -3.99
N TYR A 170 5.42 -1.41 -4.21
CA TYR A 170 5.21 0.03 -3.97
C TYR A 170 4.75 0.26 -2.53
N GLY A 171 4.97 1.48 -2.07
CA GLY A 171 4.59 1.83 -0.69
C GLY A 171 3.13 1.79 -0.35
N ASP A 172 2.25 1.89 -1.35
CA ASP A 172 0.83 1.71 -1.17
C ASP A 172 0.35 0.24 -1.06
N ARG A 173 1.29 -0.69 -1.02
CA ARG A 173 1.00 -2.13 -0.86
C ARG A 173 0.44 -2.77 -2.09
N THR A 174 0.80 -2.18 -3.23
CA THR A 174 0.52 -2.71 -4.53
C THR A 174 1.76 -3.42 -5.05
N ILE A 175 1.52 -4.32 -6.01
CA ILE A 175 2.57 -5.10 -6.66
C ILE A 175 2.48 -4.77 -8.14
N ARG A 176 3.44 -4.02 -8.64
CA ARG A 176 3.37 -3.48 -9.98
C ARG A 176 4.32 -4.18 -10.94
N VAL A 177 3.90 -4.16 -12.20
CA VAL A 177 4.76 -4.60 -13.33
C VAL A 177 5.95 -3.66 -13.37
N ASN A 178 7.16 -4.19 -13.21
CA ASN A 178 8.29 -3.27 -13.04
C ASN A 178 8.57 -2.40 -14.27
N SER A 179 8.39 -2.99 -15.45
N SER A 179 8.38 -2.98 -15.45
CA SER A 179 8.63 -2.28 -16.70
CA SER A 179 8.59 -2.29 -16.71
C SER A 179 7.48 -1.34 -17.07
C SER A 179 7.49 -1.29 -17.02
N THR A 180 6.35 -1.47 -16.37
CA THR A 180 5.13 -0.70 -16.69
C THR A 180 4.36 -0.39 -15.40
N ARG A 181 4.86 0.62 -14.70
CA ARG A 181 4.47 0.75 -13.31
C ARG A 181 3.08 1.32 -13.07
N GLY A 182 2.36 1.60 -14.16
CA GLY A 182 0.96 1.93 -14.03
C GLY A 182 0.04 0.71 -13.98
N LEU A 183 0.61 -0.49 -14.06
CA LEU A 183 -0.14 -1.75 -14.01
C LEU A 183 0.17 -2.50 -12.74
N CYS A 184 -0.90 -3.06 -12.13
CA CYS A 184 -1.00 -3.63 -10.73
C CYS A 184 -1.46 -5.12 -10.87
N VAL A 185 -0.92 -5.98 -10.02
CA VAL A 185 -1.49 -7.32 -9.76
C VAL A 185 -2.86 -7.09 -9.11
N THR A 186 -3.90 -7.65 -9.72
CA THR A 186 -5.28 -7.32 -9.38
C THR A 186 -6.10 -8.61 -9.35
N THR A 187 -6.81 -8.85 -8.25
CA THR A 187 -7.81 -9.92 -8.26
C THR A 187 -9.07 -9.47 -9.00
N ASN A 188 -9.55 -10.32 -9.88
CA ASN A 188 -10.69 -9.97 -10.73
C ASN A 188 -11.93 -10.37 -9.99
N GLY A 189 -12.15 -9.73 -8.82
CA GLY A 189 -13.20 -10.10 -7.86
C GLY A 189 -12.71 -10.47 -6.48
N TYR A 190 -13.65 -10.58 -5.54
CA TYR A 190 -13.32 -10.86 -4.14
C TYR A 190 -13.76 -12.26 -3.69
N ASN A 191 -14.19 -13.09 -4.62
CA ASN A 191 -14.68 -14.42 -4.30
C ASN A 191 -13.58 -15.45 -4.52
N SER A 192 -13.72 -16.56 -3.81
N SER A 192 -13.62 -16.52 -3.76
CA SER A 192 -12.83 -17.67 -3.97
CA SER A 192 -12.62 -17.54 -3.95
C SER A 192 -12.81 -18.11 -5.43
C SER A 192 -12.76 -18.07 -5.38
N LYS A 193 -11.61 -18.39 -5.94
CA LYS A 193 -11.40 -18.80 -7.34
C LYS A 193 -11.42 -17.66 -8.35
N ASP A 194 -11.58 -16.41 -7.91
CA ASP A 194 -11.46 -15.29 -8.83
C ASP A 194 -9.99 -15.22 -9.26
N LEU A 195 -9.78 -14.86 -10.52
CA LEU A 195 -8.46 -14.89 -11.16
C LEU A 195 -7.64 -13.66 -10.89
N ILE A 196 -6.34 -13.86 -10.74
CA ILE A 196 -5.42 -12.76 -10.61
C ILE A 196 -4.86 -12.40 -11.99
N ILE A 197 -5.00 -11.12 -12.33
CA ILE A 197 -4.66 -10.57 -13.64
C ILE A 197 -3.83 -9.29 -13.42
N ILE A 198 -3.44 -8.69 -14.53
CA ILE A 198 -2.79 -7.37 -14.51
C ILE A 198 -3.82 -6.37 -15.04
N LEU A 199 -4.06 -5.32 -14.27
CA LEU A 199 -4.95 -4.22 -14.67
C LEU A 199 -4.31 -2.88 -14.30
N LYS A 200 -4.73 -1.82 -14.96
CA LYS A 200 -4.30 -0.46 -14.60
C LYS A 200 -4.56 -0.23 -13.12
N CYS A 201 -3.55 0.27 -12.42
CA CYS A 201 -3.67 0.65 -10.99
C CYS A 201 -4.69 1.72 -10.83
N GLN A 202 -5.66 1.47 -9.95
CA GLN A 202 -6.80 2.38 -9.74
C GLN A 202 -7.09 2.52 -8.25
N GLY A 203 -6.15 2.16 -7.40
CA GLY A 203 -6.36 2.32 -5.98
C GLY A 203 -7.35 1.40 -5.29
N LEU A 204 -7.74 0.32 -5.97
CA LEU A 204 -8.84 -0.59 -5.52
C LEU A 204 -8.44 -1.55 -4.40
N PRO A 205 -9.42 -1.99 -3.60
CA PRO A 205 -9.13 -3.08 -2.66
C PRO A 205 -8.65 -4.35 -3.36
N SER A 206 -9.03 -4.58 -4.61
CA SER A 206 -8.55 -5.74 -5.39
C SER A 206 -7.06 -5.67 -5.82
N GLN A 207 -6.43 -4.53 -5.54
CA GLN A 207 -5.03 -4.24 -5.90
C GLN A 207 -4.11 -4.09 -4.67
N ARG A 208 -4.68 -4.29 -3.49
CA ARG A 208 -3.95 -4.23 -2.27
C ARG A 208 -3.57 -5.62 -1.79
N TRP A 209 -2.31 -5.75 -1.40
CA TRP A 209 -1.75 -7.03 -0.94
C TRP A 209 -0.96 -6.86 0.34
N PHE A 210 -0.82 -7.95 1.08
CA PHE A 210 -0.09 -7.97 2.34
C PHE A 210 0.75 -9.24 2.38
N PHE A 211 2.05 -9.10 2.49
CA PHE A 211 2.93 -10.27 2.68
C PHE A 211 2.94 -10.63 4.15
N ASN A 212 2.25 -11.71 4.53
CA ASN A 212 2.08 -11.97 5.95
C ASN A 212 3.25 -12.80 6.49
N SER A 213 3.25 -12.98 7.80
CA SER A 213 4.31 -13.78 8.46
C SER A 213 4.25 -15.31 8.12
N ASP A 214 3.17 -15.80 7.53
CA ASP A 214 3.04 -17.21 7.18
C ASP A 214 3.55 -17.59 5.77
N GLY A 215 4.15 -16.65 5.02
CA GLY A 215 4.52 -16.89 3.61
C GLY A 215 3.43 -16.67 2.58
N ALA A 216 2.26 -16.21 3.01
CA ALA A 216 1.14 -15.96 2.10
C ALA A 216 1.16 -14.51 1.60
N ILE A 217 0.57 -14.33 0.43
CA ILE A 217 0.20 -13.04 -0.09
C ILE A 217 -1.32 -12.86 -0.02
N VAL A 218 -1.71 -12.03 0.93
CA VAL A 218 -3.10 -11.85 1.34
C VAL A 218 -3.70 -10.62 0.71
N ASN A 219 -4.93 -10.75 0.23
CA ASN A 219 -5.76 -9.61 -0.15
C ASN A 219 -6.61 -9.23 1.04
N PRO A 220 -6.28 -8.11 1.69
CA PRO A 220 -6.97 -7.84 2.95
C PRO A 220 -8.50 -7.74 2.91
N LYS A 221 -9.05 -7.15 1.85
CA LYS A 221 -10.50 -7.01 1.77
C LYS A 221 -11.19 -8.39 1.75
N SER A 222 -10.76 -9.24 0.84
CA SER A 222 -11.36 -10.56 0.74
C SER A 222 -10.97 -11.49 1.87
N ARG A 223 -9.80 -11.24 2.47
CA ARG A 223 -9.12 -12.14 3.39
C ARG A 223 -8.46 -13.36 2.68
N LEU A 224 -8.66 -13.48 1.37
CA LEU A 224 -8.16 -14.61 0.65
C LEU A 224 -6.72 -14.38 0.18
N VAL A 225 -6.07 -15.46 -0.23
CA VAL A 225 -4.63 -15.45 -0.52
C VAL A 225 -4.32 -15.93 -1.93
N MET A 226 -3.17 -15.51 -2.47
CA MET A 226 -2.77 -15.98 -3.79
C MET A 226 -2.46 -17.44 -3.77
N ASP A 227 -2.92 -18.14 -4.81
CA ASP A 227 -2.97 -19.59 -4.84
C ASP A 227 -2.74 -20.04 -6.29
N VAL A 228 -1.74 -20.90 -6.48
CA VAL A 228 -1.53 -21.57 -7.75
C VAL A 228 -2.61 -22.65 -7.91
N ARG A 229 -3.54 -22.39 -8.84
CA ARG A 229 -4.77 -23.13 -8.95
C ARG A 229 -4.55 -24.64 -9.09
N ALA A 230 -5.20 -25.35 -8.18
CA ALA A 230 -5.19 -26.82 -8.10
C ALA A 230 -3.76 -27.36 -8.01
N SER A 231 -2.84 -26.56 -7.47
CA SER A 231 -1.42 -26.91 -7.45
C SER A 231 -0.92 -27.38 -8.83
N ASN A 232 -1.39 -26.74 -9.89
CA ASN A 232 -1.09 -27.16 -11.25
C ASN A 232 -0.56 -25.96 -12.07
N VAL A 233 0.76 -25.88 -12.25
CA VAL A 233 1.35 -24.71 -12.90
C VAL A 233 1.00 -24.66 -14.38
N SER A 234 0.71 -25.84 -14.96
CA SER A 234 0.37 -25.93 -16.36
C SER A 234 -0.99 -25.31 -16.66
N LEU A 235 -1.85 -25.17 -15.65
CA LEU A 235 -3.11 -24.44 -15.83
C LEU A 235 -2.87 -22.97 -16.16
N ARG A 236 -1.72 -22.42 -15.75
CA ARG A 236 -1.42 -21.02 -15.98
C ARG A 236 -2.54 -20.11 -15.43
N GLU A 237 -3.00 -20.48 -14.21
CA GLU A 237 -4.00 -19.72 -13.46
C GLU A 237 -3.61 -19.57 -11.98
N ILE A 238 -3.56 -18.32 -11.54
CA ILE A 238 -3.36 -17.96 -10.16
C ILE A 238 -4.67 -17.30 -9.71
N ILE A 239 -5.15 -17.74 -8.55
CA ILE A 239 -6.45 -17.34 -8.02
C ILE A 239 -6.28 -16.82 -6.60
N ILE A 240 -7.32 -16.17 -6.09
CA ILE A 240 -7.46 -16.03 -4.63
C ILE A 240 -8.26 -17.24 -4.06
N PHE A 241 -7.90 -17.63 -2.86
CA PHE A 241 -8.49 -18.80 -2.22
C PHE A 241 -8.25 -18.66 -0.72
N PRO A 242 -9.11 -19.29 0.09
CA PRO A 242 -8.87 -19.32 1.53
C PRO A 242 -7.48 -19.91 1.87
N ALA A 243 -6.86 -19.34 2.88
CA ALA A 243 -5.58 -19.87 3.38
C ALA A 243 -5.66 -21.28 3.89
N THR A 244 -4.81 -22.15 3.31
CA THR A 244 -4.76 -23.55 3.64
C THR A 244 -3.45 -24.02 4.25
N GLY A 245 -2.43 -23.20 4.17
CA GLY A 245 -1.09 -23.62 4.61
C GLY A 245 -0.36 -24.49 3.60
N ASN A 246 -0.95 -24.74 2.41
CA ASN A 246 -0.32 -25.63 1.44
C ASN A 246 0.76 -24.95 0.59
N PRO A 247 1.68 -25.75 0.02
CA PRO A 247 2.79 -25.19 -0.78
C PRO A 247 2.40 -24.30 -1.96
N ASN A 248 1.21 -24.51 -2.50
CA ASN A 248 0.75 -23.69 -3.64
C ASN A 248 0.27 -22.29 -3.23
N GLN A 249 0.34 -21.98 -1.93
CA GLN A 249 0.03 -20.65 -1.37
C GLN A 249 1.23 -19.97 -0.69
N GLN A 250 2.42 -20.53 -0.88
CA GLN A 250 3.64 -20.04 -0.27
C GLN A 250 4.45 -19.25 -1.28
N TRP A 251 4.88 -18.03 -0.88
CA TRP A 251 5.63 -17.12 -1.76
C TRP A 251 6.75 -16.47 -0.99
N VAL A 252 7.82 -16.15 -1.70
CA VAL A 252 8.95 -15.39 -1.12
C VAL A 252 9.37 -14.35 -2.14
N THR A 253 9.67 -13.14 -1.69
CA THR A 253 10.30 -12.15 -2.53
C THR A 253 11.78 -12.34 -2.57
N GLN A 254 12.36 -12.15 -3.75
CA GLN A 254 13.79 -12.15 -3.92
C GLN A 254 14.22 -10.87 -4.61
N VAL A 255 14.90 -10.01 -3.86
CA VAL A 255 15.29 -8.71 -4.37
C VAL A 255 16.24 -8.85 -5.57
N LEU A 256 16.01 -8.03 -6.59
CA LEU A 256 16.76 -8.08 -7.85
C LEU A 256 17.87 -7.01 -7.84
N PRO A 257 18.98 -7.27 -8.58
CA PRO A 257 20.07 -6.36 -8.63
C PRO A 257 19.74 -5.21 -9.59
#